data_5AQ8
#
_entry.id   5AQ8
#
_cell.length_a   41.070
_cell.length_b   76.640
_cell.length_c   106.450
_cell.angle_alpha   90.00
_cell.angle_beta   90.00
_cell.angle_gamma   90.00
#
_symmetry.space_group_name_H-M   'P 21 21 21'
#
loop_
_entity.id
_entity.type
_entity.pdbx_description
1 polymer OFF7_DB12V4
2 non-polymer '4-(2-HYDROXYETHYL)-1-PIPERAZINE ETHANESULFONIC ACID'
3 non-polymer 'THIOCYANATE ION'
4 water water
#
_entity_poly.entity_id   1
_entity_poly.type   'polypeptide(L)'
_entity_poly.pdbx_seq_one_letter_code
;MRGSHHHHHHGSDLGRKLLEAARAGQDDEVRILMANGADVNAADNTGTTPLHLAAYSGHLEIVEVLLKHGADVDASDVFG
YTPLHLAAYWGHLEIVEVLLKNGADVNAMDSDGMTPLHLAAKWGYLEIVEVLLKHGADVNAQDKFGKTPFDLAIDNGNED
AAGVLLTAAKVKDAADQLGARVGYIELDLNSGKILASFRSEERFPMMSTFKVLLAGAILSRIDAGQEQLGRRIHYSQNDL
VEYSPVTEKHLTDGMTVRELASAAITMSDNTAANLLLTTIGGPKGLTAFLHNMGDHVTRLDRWEPELNEAIPNDERDTTT
PVAMATTLRKLLTGELLTPASRQQLMDWMEADKVAGPLLRSVLPAGWFIADKSGAGERGSRGIVAALGPDGKPSRIVVIY
TTGSQATMDELNRQIAEIGASLIKGW
;
_entity_poly.pdbx_strand_id   A
#
loop_
_chem_comp.id
_chem_comp.type
_chem_comp.name
_chem_comp.formula
EPE non-polymer '4-(2-HYDROXYETHYL)-1-PIPERAZINE ETHANESULFONIC ACID' 'C8 H18 N2 O4 S'
SCN non-polymer 'THIOCYANATE ION' 'C N S -1'
#
# COMPACT_ATOMS: atom_id res chain seq x y z
N GLY A 11 -8.77 -48.81 -3.95
CA GLY A 11 -8.20 -47.47 -3.92
C GLY A 11 -9.24 -46.43 -3.56
N SER A 12 -9.05 -45.77 -2.41
CA SER A 12 -9.97 -44.75 -1.94
C SER A 12 -9.77 -43.45 -2.71
N ASP A 13 -10.85 -42.94 -3.30
CA ASP A 13 -10.80 -41.68 -4.05
C ASP A 13 -10.59 -40.51 -3.11
N LEU A 14 -9.33 -40.20 -2.82
CA LEU A 14 -8.99 -39.15 -1.86
C LEU A 14 -9.44 -37.77 -2.35
N GLY A 15 -9.49 -37.60 -3.68
CA GLY A 15 -9.89 -36.34 -4.25
C GLY A 15 -11.26 -35.87 -3.78
N ARG A 16 -12.26 -36.74 -3.96
CA ARG A 16 -13.63 -36.42 -3.56
C ARG A 16 -13.77 -36.37 -2.04
N LYS A 17 -13.05 -37.23 -1.34
CA LYS A 17 -13.07 -37.22 0.11
C LYS A 17 -12.58 -35.87 0.65
N LEU A 18 -11.62 -35.28 -0.06
CA LEU A 18 -11.09 -33.98 0.34
C LEU A 18 -12.10 -32.87 0.05
N LEU A 19 -12.80 -33.00 -1.07
CA LEU A 19 -13.84 -32.04 -1.43
C LEU A 19 -14.90 -31.97 -0.32
N GLU A 20 -15.34 -33.14 0.13
CA GLU A 20 -16.38 -33.23 1.16
C GLU A 20 -15.87 -32.76 2.51
N ALA A 21 -14.62 -33.08 2.81
CA ALA A 21 -14.01 -32.63 4.06
C ALA A 21 -13.92 -31.11 4.09
N ALA A 22 -13.60 -30.50 2.95
CA ALA A 22 -13.49 -29.06 2.86
C ALA A 22 -14.85 -28.40 3.04
N ARG A 23 -15.87 -29.03 2.49
CA ARG A 23 -17.24 -28.52 2.58
C ARG A 23 -17.76 -28.61 4.02
N ALA A 24 -17.42 -29.70 4.70
CA ALA A 24 -17.95 -29.97 6.04
C ALA A 24 -17.16 -29.26 7.14
N GLY A 25 -16.02 -28.67 6.78
CA GLY A 25 -15.22 -27.93 7.74
C GLY A 25 -14.38 -28.84 8.63
N GLN A 26 -14.07 -30.02 8.13
CA GLN A 26 -13.27 -30.98 8.88
C GLN A 26 -11.79 -30.73 8.66
N ASP A 27 -11.24 -29.77 9.41
CA ASP A 27 -9.86 -29.33 9.21
C ASP A 27 -8.84 -30.45 9.38
N ASP A 28 -9.05 -31.29 10.38
CA ASP A 28 -8.13 -32.41 10.61
C ASP A 28 -8.19 -33.41 9.47
N GLU A 29 -9.41 -33.73 9.03
CA GLU A 29 -9.59 -34.70 7.96
C GLU A 29 -8.98 -34.19 6.65
N VAL A 30 -9.08 -32.88 6.42
CA VAL A 30 -8.47 -32.28 5.24
C VAL A 30 -6.97 -32.53 5.24
N ARG A 31 -6.33 -32.30 6.39
CA ARG A 31 -4.89 -32.46 6.51
C ARG A 31 -4.48 -33.92 6.35
N ILE A 32 -5.25 -34.83 6.93
CA ILE A 32 -4.94 -36.26 6.85
C ILE A 32 -4.98 -36.74 5.41
N LEU A 33 -6.02 -36.33 4.68
CA LEU A 33 -6.16 -36.73 3.29
C LEU A 33 -4.99 -36.19 2.45
N MET A 34 -4.66 -34.93 2.65
CA MET A 34 -3.54 -34.32 1.95
C MET A 34 -2.23 -35.03 2.29
N ALA A 35 -2.07 -35.38 3.56
CA ALA A 35 -0.86 -36.07 4.00
C ALA A 35 -0.72 -37.42 3.31
N ASN A 36 -1.85 -38.05 3.02
CA ASN A 36 -1.85 -39.36 2.37
C ASN A 36 -1.86 -39.27 0.84
N GLY A 37 -1.80 -38.05 0.31
CA GLY A 37 -1.59 -37.86 -1.11
C GLY A 37 -2.78 -37.30 -1.89
N ALA A 38 -3.77 -36.76 -1.19
CA ALA A 38 -4.93 -36.16 -1.85
C ALA A 38 -4.50 -34.96 -2.68
N ASP A 39 -5.04 -34.83 -3.88
CA ASP A 39 -4.74 -33.71 -4.75
C ASP A 39 -5.45 -32.46 -4.26
N VAL A 40 -4.68 -31.48 -3.81
CA VAL A 40 -5.23 -30.24 -3.28
C VAL A 40 -5.99 -29.49 -4.36
N ASN A 41 -5.68 -29.79 -5.62
CA ASN A 41 -6.37 -29.18 -6.75
C ASN A 41 -7.33 -30.15 -7.44
N ALA A 42 -7.79 -31.15 -6.70
CA ALA A 42 -8.78 -32.08 -7.21
C ALA A 42 -9.99 -31.27 -7.69
N ALA A 43 -10.67 -31.76 -8.73
CA ALA A 43 -11.82 -31.05 -9.28
C ALA A 43 -12.91 -32.03 -9.70
N ASP A 44 -14.16 -31.69 -9.37
CA ASP A 44 -15.28 -32.52 -9.76
C ASP A 44 -15.71 -32.16 -11.19
N ASN A 45 -16.84 -32.71 -11.63
CA ASN A 45 -17.27 -32.57 -13.02
C ASN A 45 -17.75 -31.17 -13.38
N THR A 46 -17.89 -30.30 -12.39
CA THR A 46 -18.25 -28.90 -12.65
C THR A 46 -17.06 -27.97 -12.45
N GLY A 47 -15.90 -28.56 -12.15
CA GLY A 47 -14.69 -27.79 -11.97
C GLY A 47 -14.54 -27.24 -10.56
N THR A 48 -15.40 -27.72 -9.64
CA THR A 48 -15.33 -27.30 -8.26
C THR A 48 -14.15 -27.96 -7.55
N THR A 49 -13.39 -27.17 -6.82
CA THR A 49 -12.21 -27.66 -6.11
C THR A 49 -12.39 -27.49 -4.61
N PRO A 50 -11.53 -28.14 -3.81
CA PRO A 50 -11.62 -27.99 -2.35
C PRO A 50 -11.67 -26.52 -1.92
N LEU A 51 -10.90 -25.66 -2.60
CA LEU A 51 -10.84 -24.25 -2.26
C LEU A 51 -12.18 -23.56 -2.51
N HIS A 52 -12.86 -23.94 -3.58
CA HIS A 52 -14.19 -23.42 -3.86
C HIS A 52 -15.14 -23.71 -2.70
N LEU A 53 -15.19 -24.97 -2.29
CA LEU A 53 -16.13 -25.40 -1.27
C LEU A 53 -15.82 -24.80 0.10
N ALA A 54 -14.54 -24.66 0.41
CA ALA A 54 -14.13 -24.05 1.66
C ALA A 54 -14.55 -22.57 1.69
N ALA A 55 -14.43 -21.92 0.55
CA ALA A 55 -14.80 -20.51 0.44
C ALA A 55 -16.32 -20.36 0.47
N TYR A 56 -17.02 -21.32 -0.11
CA TYR A 56 -18.48 -21.31 -0.15
C TYR A 56 -19.08 -21.53 1.24
N SER A 57 -18.50 -22.46 2.00
CA SER A 57 -19.00 -22.78 3.33
C SER A 57 -18.58 -21.72 4.35
N GLY A 58 -17.40 -21.15 4.15
CA GLY A 58 -16.89 -20.12 5.04
C GLY A 58 -15.91 -20.66 6.06
N HIS A 59 -15.13 -21.65 5.67
CA HIS A 59 -14.15 -22.26 6.56
C HIS A 59 -12.77 -21.64 6.33
N LEU A 60 -12.45 -20.62 7.12
CA LEU A 60 -11.23 -19.86 6.95
C LEU A 60 -9.96 -20.71 7.11
N GLU A 61 -9.92 -21.52 8.15
CA GLU A 61 -8.74 -22.33 8.43
C GLU A 61 -8.43 -23.30 7.29
N ILE A 62 -9.47 -23.87 6.69
CA ILE A 62 -9.29 -24.80 5.58
C ILE A 62 -8.80 -24.08 4.33
N VAL A 63 -9.32 -22.89 4.09
CA VAL A 63 -8.85 -22.06 2.99
C VAL A 63 -7.34 -21.84 3.11
N GLU A 64 -6.90 -21.51 4.33
CA GLU A 64 -5.49 -21.22 4.59
C GLU A 64 -4.61 -22.46 4.37
N VAL A 65 -5.02 -23.59 4.93
CA VAL A 65 -4.26 -24.83 4.79
C VAL A 65 -4.11 -25.23 3.33
N LEU A 66 -5.20 -25.10 2.57
CA LEU A 66 -5.17 -25.45 1.15
C LEU A 66 -4.19 -24.54 0.41
N LEU A 67 -4.24 -23.24 0.69
CA LEU A 67 -3.39 -22.29 0.01
C LEU A 67 -1.91 -22.50 0.31
N LYS A 68 -1.59 -22.81 1.56
CA LYS A 68 -0.21 -22.96 1.98
C LYS A 68 0.39 -24.29 1.52
N HIS A 69 -0.43 -25.11 0.85
CA HIS A 69 0.04 -26.39 0.35
C HIS A 69 -0.28 -26.61 -1.12
N GLY A 70 -0.37 -25.53 -1.88
CA GLY A 70 -0.37 -25.61 -3.33
C GLY A 70 -1.70 -25.47 -4.05
N ALA A 71 -2.73 -25.02 -3.34
CA ALA A 71 -4.04 -24.84 -3.98
C ALA A 71 -4.02 -23.69 -4.98
N ASP A 72 -4.59 -23.91 -6.16
CA ASP A 72 -4.68 -22.88 -7.18
C ASP A 72 -5.74 -21.86 -6.77
N VAL A 73 -5.30 -20.64 -6.46
CA VAL A 73 -6.18 -19.60 -5.93
C VAL A 73 -7.20 -19.10 -6.94
N ASP A 74 -6.87 -19.20 -8.22
CA ASP A 74 -7.72 -18.65 -9.28
C ASP A 74 -8.45 -19.71 -10.11
N ALA A 75 -8.54 -20.92 -9.57
CA ALA A 75 -9.25 -21.99 -10.26
C ALA A 75 -10.68 -21.57 -10.57
N SER A 76 -11.10 -21.79 -11.81
CA SER A 76 -12.44 -21.44 -12.24
C SER A 76 -13.27 -22.68 -12.52
N ASP A 77 -14.53 -22.67 -12.09
CA ASP A 77 -15.45 -23.77 -12.42
C ASP A 77 -16.12 -23.50 -13.76
N VAL A 78 -17.06 -24.38 -14.15
CA VAL A 78 -17.68 -24.32 -15.46
C VAL A 78 -18.43 -23.00 -15.69
N PHE A 79 -18.91 -22.39 -14.61
CA PHE A 79 -19.68 -21.15 -14.72
C PHE A 79 -18.80 -19.92 -14.51
N GLY A 80 -17.49 -20.11 -14.51
CA GLY A 80 -16.56 -19.01 -14.41
C GLY A 80 -16.36 -18.50 -12.99
N TYR A 81 -16.84 -19.26 -12.01
CA TYR A 81 -16.71 -18.85 -10.61
C TYR A 81 -15.35 -19.26 -10.04
N THR A 82 -14.66 -18.30 -9.46
CA THR A 82 -13.44 -18.56 -8.70
C THR A 82 -13.82 -18.61 -7.22
N PRO A 83 -12.91 -19.12 -6.38
CA PRO A 83 -13.18 -19.08 -4.94
C PRO A 83 -13.47 -17.67 -4.45
N LEU A 84 -12.84 -16.68 -5.07
CA LEU A 84 -13.07 -15.29 -4.66
C LEU A 84 -14.50 -14.84 -4.95
N HIS A 85 -15.05 -15.30 -6.07
CA HIS A 85 -16.45 -15.02 -6.39
C HIS A 85 -17.36 -15.55 -5.29
N LEU A 86 -17.14 -16.80 -4.90
CA LEU A 86 -17.99 -17.44 -3.90
C LEU A 86 -17.86 -16.75 -2.54
N ALA A 87 -16.64 -16.39 -2.17
CA ALA A 87 -16.40 -15.72 -0.90
C ALA A 87 -17.14 -14.38 -0.85
N ALA A 88 -17.11 -13.65 -1.96
CA ALA A 88 -17.74 -12.33 -2.03
C ALA A 88 -19.27 -12.46 -2.03
N TYR A 89 -19.77 -13.45 -2.75
CA TYR A 89 -21.22 -13.66 -2.86
C TYR A 89 -21.86 -13.97 -1.51
N TRP A 90 -21.13 -14.70 -0.66
CA TRP A 90 -21.65 -15.10 0.65
C TRP A 90 -21.17 -14.20 1.78
N GLY A 91 -20.46 -13.13 1.43
CA GLY A 91 -20.05 -12.13 2.40
C GLY A 91 -19.02 -12.65 3.40
N HIS A 92 -18.09 -13.47 2.93
CA HIS A 92 -17.04 -14.00 3.79
C HIS A 92 -15.80 -13.11 3.75
N LEU A 93 -15.83 -12.06 4.56
CA LEU A 93 -14.81 -11.01 4.54
C LEU A 93 -13.39 -11.55 4.70
N GLU A 94 -13.15 -12.27 5.79
CA GLU A 94 -11.81 -12.73 6.10
C GLU A 94 -11.24 -13.61 4.98
N ILE A 95 -12.10 -14.41 4.37
CA ILE A 95 -11.67 -15.30 3.29
C ILE A 95 -11.32 -14.50 2.04
N VAL A 96 -12.11 -13.48 1.74
CA VAL A 96 -11.81 -12.58 0.62
C VAL A 96 -10.41 -12.01 0.80
N GLU A 97 -10.12 -11.54 2.01
CA GLU A 97 -8.81 -10.95 2.32
C GLU A 97 -7.68 -11.95 2.11
N VAL A 98 -7.85 -13.16 2.61
CA VAL A 98 -6.81 -14.19 2.53
C VAL A 98 -6.55 -14.60 1.07
N LEU A 99 -7.62 -14.74 0.30
CA LEU A 99 -7.50 -15.10 -1.11
C LEU A 99 -6.71 -14.05 -1.87
N LEU A 100 -7.03 -12.78 -1.64
CA LEU A 100 -6.35 -11.69 -2.32
C LEU A 100 -4.88 -11.62 -1.92
N LYS A 101 -4.59 -11.84 -0.64
CA LYS A 101 -3.23 -11.83 -0.15
C LYS A 101 -2.41 -12.97 -0.75
N ASN A 102 -3.09 -14.02 -1.18
CA ASN A 102 -2.42 -15.17 -1.78
C ASN A 102 -2.50 -15.17 -3.31
N GLY A 103 -2.81 -14.02 -3.91
CA GLY A 103 -2.65 -13.83 -5.34
C GLY A 103 -3.89 -14.04 -6.19
N ALA A 104 -5.07 -14.02 -5.57
CA ALA A 104 -6.31 -14.16 -6.33
C ALA A 104 -6.47 -13.02 -7.32
N ASP A 105 -7.10 -13.28 -8.45
CA ASP A 105 -7.36 -12.25 -9.45
C ASP A 105 -8.58 -11.46 -9.02
N VAL A 106 -8.36 -10.22 -8.60
CA VAL A 106 -9.43 -9.39 -8.07
C VAL A 106 -10.49 -9.08 -9.12
N ASN A 107 -10.14 -9.21 -10.39
CA ASN A 107 -11.04 -8.83 -11.48
C ASN A 107 -11.51 -10.00 -12.34
N ALA A 108 -11.45 -11.21 -11.80
CA ALA A 108 -11.93 -12.38 -12.53
C ALA A 108 -13.42 -12.23 -12.83
N MET A 109 -13.81 -12.52 -14.07
CA MET A 109 -15.19 -12.38 -14.51
C MET A 109 -15.83 -13.75 -14.72
N ASP A 110 -17.03 -13.94 -14.19
CA ASP A 110 -17.77 -15.18 -14.42
C ASP A 110 -18.44 -15.14 -15.78
N SER A 111 -19.22 -16.17 -16.10
CA SER A 111 -19.86 -16.29 -17.41
C SER A 111 -20.82 -15.13 -17.68
N ASP A 112 -21.33 -14.50 -16.63
CA ASP A 112 -22.25 -13.39 -16.78
C ASP A 112 -21.51 -12.04 -16.79
N GLY A 113 -20.18 -12.10 -16.77
CA GLY A 113 -19.37 -10.90 -16.79
C GLY A 113 -19.26 -10.24 -15.42
N MET A 114 -19.64 -10.96 -14.38
CA MET A 114 -19.63 -10.41 -13.03
C MET A 114 -18.27 -10.62 -12.36
N THR A 115 -17.75 -9.53 -11.79
CA THR A 115 -16.54 -9.59 -10.98
C THR A 115 -16.95 -9.66 -9.51
N PRO A 116 -15.99 -10.02 -8.64
CA PRO A 116 -16.30 -10.03 -7.21
C PRO A 116 -16.83 -8.68 -6.71
N LEU A 117 -16.34 -7.59 -7.30
CA LEU A 117 -16.78 -6.26 -6.92
C LEU A 117 -18.25 -6.03 -7.28
N HIS A 118 -18.68 -6.59 -8.41
CA HIS A 118 -20.08 -6.54 -8.80
C HIS A 118 -20.95 -7.21 -7.74
N LEU A 119 -20.52 -8.38 -7.29
CA LEU A 119 -21.28 -9.13 -6.30
C LEU A 119 -21.37 -8.38 -4.98
N ALA A 120 -20.26 -7.81 -4.54
CA ALA A 120 -20.21 -7.09 -3.27
C ALA A 120 -21.04 -5.81 -3.32
N ALA A 121 -21.03 -5.15 -4.47
CA ALA A 121 -21.78 -3.91 -4.66
C ALA A 121 -23.28 -4.20 -4.71
N LYS A 122 -23.63 -5.29 -5.38
CA LYS A 122 -25.04 -5.65 -5.57
C LYS A 122 -25.74 -5.98 -4.26
N TRP A 123 -25.06 -6.72 -3.40
CA TRP A 123 -25.67 -7.18 -2.15
C TRP A 123 -25.41 -6.24 -0.98
N GLY A 124 -24.51 -5.29 -1.17
CA GLY A 124 -24.27 -4.25 -0.17
C GLY A 124 -23.26 -4.62 0.89
N TYR A 125 -22.30 -5.47 0.53
CA TYR A 125 -21.24 -5.84 1.45
C TYR A 125 -20.12 -4.81 1.43
N LEU A 126 -20.31 -3.74 2.20
CA LEU A 126 -19.43 -2.58 2.14
C LEU A 126 -17.98 -2.91 2.49
N GLU A 127 -17.78 -3.73 3.51
CA GLU A 127 -16.43 -4.08 3.95
C GLU A 127 -15.68 -4.83 2.87
N ILE A 128 -16.38 -5.68 2.14
CA ILE A 128 -15.76 -6.45 1.06
C ILE A 128 -15.46 -5.54 -0.12
N VAL A 129 -16.34 -4.58 -0.40
CA VAL A 129 -16.10 -3.60 -1.44
C VAL A 129 -14.77 -2.90 -1.16
N GLU A 130 -14.58 -2.50 0.10
CA GLU A 130 -13.38 -1.77 0.50
C GLU A 130 -12.11 -2.61 0.31
N VAL A 131 -12.16 -3.88 0.73
CA VAL A 131 -11.01 -4.75 0.60
C VAL A 131 -10.66 -4.98 -0.88
N LEU A 132 -11.68 -5.21 -1.70
CA LEU A 132 -11.45 -5.41 -3.13
C LEU A 132 -10.76 -4.18 -3.72
N LEU A 133 -11.18 -2.99 -3.31
CA LEU A 133 -10.56 -1.75 -3.79
C LEU A 133 -9.10 -1.65 -3.35
N LYS A 134 -8.79 -2.17 -2.17
CA LYS A 134 -7.41 -2.20 -1.69
C LYS A 134 -6.52 -2.93 -2.68
N HIS A 135 -7.08 -3.95 -3.33
CA HIS A 135 -6.30 -4.80 -4.22
C HIS A 135 -6.54 -4.48 -5.69
N GLY A 136 -7.11 -3.32 -5.97
CA GLY A 136 -7.16 -2.80 -7.33
C GLY A 136 -8.36 -3.24 -8.17
N ALA A 137 -9.46 -3.60 -7.51
CA ALA A 137 -10.66 -3.99 -8.23
C ALA A 137 -11.07 -2.90 -9.21
N ASP A 138 -11.46 -3.31 -10.42
CA ASP A 138 -11.78 -2.37 -11.49
C ASP A 138 -13.22 -1.87 -11.37
N VAL A 139 -13.36 -0.61 -11.00
CA VAL A 139 -14.68 0.00 -10.83
C VAL A 139 -15.37 0.23 -12.17
N ASN A 140 -14.62 0.15 -13.26
CA ASN A 140 -15.17 0.35 -14.59
C ASN A 140 -15.59 -0.95 -15.26
N ALA A 141 -15.41 -2.06 -14.55
CA ALA A 141 -15.77 -3.38 -15.08
C ALA A 141 -17.27 -3.46 -15.37
N GLN A 142 -17.61 -3.95 -16.57
CA GLN A 142 -19.02 -4.06 -16.97
C GLN A 142 -19.42 -5.52 -17.14
N ASP A 143 -20.60 -5.87 -16.64
CA ASP A 143 -21.14 -7.22 -16.84
C ASP A 143 -21.76 -7.32 -18.22
N LYS A 144 -22.44 -8.42 -18.51
CA LYS A 144 -22.99 -8.64 -19.84
C LYS A 144 -24.10 -7.66 -20.18
N PHE A 145 -24.64 -6.97 -19.18
CA PHE A 145 -25.68 -5.97 -19.39
C PHE A 145 -25.10 -4.56 -19.47
N GLY A 146 -23.79 -4.45 -19.34
CA GLY A 146 -23.11 -3.17 -19.43
C GLY A 146 -23.06 -2.43 -18.10
N LYS A 147 -23.43 -3.11 -17.01
CA LYS A 147 -23.49 -2.47 -15.71
C LYS A 147 -22.17 -2.60 -14.93
N THR A 148 -21.74 -1.48 -14.34
CA THR A 148 -20.59 -1.48 -13.45
C THR A 148 -21.06 -1.78 -12.03
N PRO A 149 -20.11 -2.06 -11.12
CA PRO A 149 -20.51 -2.28 -9.73
C PRO A 149 -21.29 -1.10 -9.18
N PHE A 150 -20.88 0.11 -9.54
CA PHE A 150 -21.60 1.31 -9.15
C PHE A 150 -23.07 1.24 -9.56
N ASP A 151 -23.33 0.85 -10.80
CA ASP A 151 -24.69 0.77 -11.32
C ASP A 151 -25.52 -0.24 -10.53
N LEU A 152 -24.90 -1.33 -10.13
CA LEU A 152 -25.59 -2.36 -9.35
C LEU A 152 -25.88 -1.86 -7.93
N ALA A 153 -24.96 -1.09 -7.37
CA ALA A 153 -25.19 -0.49 -6.06
C ALA A 153 -26.38 0.45 -6.11
N ILE A 154 -26.42 1.30 -7.14
CA ILE A 154 -27.53 2.23 -7.31
C ILE A 154 -28.84 1.47 -7.47
N ASP A 155 -28.83 0.45 -8.32
CA ASP A 155 -30.04 -0.32 -8.60
C ASP A 155 -30.63 -0.96 -7.35
N ASN A 156 -29.75 -1.46 -6.47
CA ASN A 156 -30.20 -2.14 -5.26
C ASN A 156 -30.28 -1.22 -4.04
N GLY A 157 -30.06 0.07 -4.26
CA GLY A 157 -30.22 1.06 -3.21
C GLY A 157 -29.15 1.05 -2.14
N ASN A 158 -27.94 0.64 -2.51
CA ASN A 158 -26.83 0.63 -1.58
C ASN A 158 -25.99 1.90 -1.69
N GLU A 159 -26.50 2.98 -1.12
CA GLU A 159 -25.85 4.29 -1.23
C GLU A 159 -24.45 4.27 -0.61
N ASP A 160 -24.29 3.49 0.45
CA ASP A 160 -23.00 3.33 1.10
C ASP A 160 -21.93 2.90 0.10
N ALA A 161 -22.18 1.80 -0.59
CA ALA A 161 -21.23 1.27 -1.56
C ALA A 161 -21.07 2.21 -2.75
N ALA A 162 -22.18 2.80 -3.19
CA ALA A 162 -22.15 3.71 -4.33
C ALA A 162 -21.15 4.85 -4.10
N GLY A 163 -21.20 5.44 -2.91
CA GLY A 163 -20.33 6.55 -2.57
C GLY A 163 -18.87 6.15 -2.62
N VAL A 164 -18.54 5.01 -2.02
CA VAL A 164 -17.17 4.50 -1.99
C VAL A 164 -16.67 4.20 -3.40
N LEU A 165 -17.53 3.62 -4.22
CA LEU A 165 -17.16 3.28 -5.59
C LEU A 165 -16.97 4.53 -6.43
N LEU A 166 -17.77 5.56 -6.18
CA LEU A 166 -17.69 6.81 -6.91
C LEU A 166 -16.35 7.49 -6.63
N THR A 167 -15.94 7.49 -5.37
CA THR A 167 -14.67 8.07 -4.95
C THR A 167 -13.51 7.34 -5.62
N ALA A 168 -13.58 6.02 -5.68
CA ALA A 168 -12.53 5.23 -6.31
C ALA A 168 -12.45 5.53 -7.81
N ALA A 169 -13.60 5.70 -8.44
CA ALA A 169 -13.66 5.95 -9.87
C ALA A 169 -12.97 7.26 -10.25
N LYS A 170 -13.16 8.30 -9.44
CA LYS A 170 -12.53 9.58 -9.69
C LYS A 170 -11.01 9.44 -9.75
N VAL A 171 -10.47 8.63 -8.86
CA VAL A 171 -9.02 8.43 -8.79
C VAL A 171 -8.53 7.62 -9.98
N LYS A 172 -9.22 6.51 -10.26
CA LYS A 172 -8.81 5.60 -11.33
C LYS A 172 -8.93 6.26 -12.70
N ASP A 173 -10.03 6.98 -12.91
CA ASP A 173 -10.30 7.58 -14.22
C ASP A 173 -9.26 8.65 -14.56
N ALA A 174 -8.81 9.39 -13.55
CA ALA A 174 -7.79 10.41 -13.77
C ALA A 174 -6.48 9.76 -14.15
N ALA A 175 -6.15 8.65 -13.50
CA ALA A 175 -4.92 7.93 -13.76
C ALA A 175 -4.92 7.33 -15.17
N ASP A 176 -6.07 6.80 -15.58
CA ASP A 176 -6.19 6.18 -16.90
C ASP A 176 -5.91 7.19 -18.01
N GLN A 177 -6.36 8.43 -17.82
CA GLN A 177 -6.13 9.48 -18.81
C GLN A 177 -4.64 9.76 -19.00
N LEU A 178 -3.86 9.57 -17.94
CA LEU A 178 -2.42 9.84 -17.99
C LEU A 178 -1.63 8.58 -18.32
N GLY A 179 -2.31 7.43 -18.37
CA GLY A 179 -1.65 6.16 -18.57
C GLY A 179 -0.85 5.78 -17.34
N ALA A 180 -1.34 6.21 -16.19
CA ALA A 180 -0.64 5.99 -14.92
C ALA A 180 -1.28 4.88 -14.09
N ARG A 181 -0.46 4.28 -13.25
CA ARG A 181 -0.96 3.40 -12.20
C ARG A 181 -0.93 4.23 -10.92
N VAL A 182 -2.05 4.25 -10.20
CA VAL A 182 -2.17 5.09 -9.01
C VAL A 182 -2.55 4.25 -7.80
N GLY A 183 -2.07 4.68 -6.63
CA GLY A 183 -2.44 4.03 -5.39
C GLY A 183 -2.45 5.05 -4.25
N TYR A 184 -3.39 4.89 -3.34
CA TYR A 184 -3.46 5.77 -2.19
C TYR A 184 -4.18 5.13 -1.02
N ILE A 185 -4.04 5.75 0.15
CA ILE A 185 -4.73 5.31 1.34
C ILE A 185 -4.89 6.48 2.30
N GLU A 186 -6.01 6.50 3.00
CA GLU A 186 -6.26 7.45 4.07
C GLU A 186 -6.46 6.63 5.34
N LEU A 187 -5.66 6.91 6.36
CA LEU A 187 -5.58 6.06 7.54
C LEU A 187 -5.71 6.91 8.81
N ASP A 188 -6.41 6.38 9.80
CA ASP A 188 -6.59 7.09 11.06
C ASP A 188 -5.31 7.01 11.89
N LEU A 189 -4.84 8.17 12.33
CA LEU A 189 -3.56 8.25 13.03
C LEU A 189 -3.57 7.45 14.34
N ASN A 190 -4.66 7.56 15.09
CA ASN A 190 -4.74 6.92 16.40
C ASN A 190 -5.00 5.42 16.33
N SER A 191 -6.08 5.03 15.65
CA SER A 191 -6.51 3.64 15.65
C SER A 191 -5.85 2.83 14.54
N GLY A 192 -5.48 3.50 13.44
CA GLY A 192 -4.90 2.81 12.30
C GLY A 192 -5.97 2.30 11.35
N LYS A 193 -7.21 2.68 11.60
CA LYS A 193 -8.34 2.27 10.77
C LYS A 193 -8.21 2.89 9.38
N ILE A 194 -8.45 2.07 8.36
CA ILE A 194 -8.41 2.54 6.98
C ILE A 194 -9.75 3.17 6.61
N LEU A 195 -9.71 4.44 6.22
CA LEU A 195 -10.93 5.20 5.95
C LEU A 195 -11.27 5.22 4.46
N ALA A 196 -10.25 5.11 3.63
CA ALA A 196 -10.43 5.13 2.18
C ALA A 196 -9.13 4.68 1.53
N SER A 197 -9.22 4.05 0.37
CA SER A 197 -8.03 3.62 -0.36
C SER A 197 -8.35 3.06 -1.73
N PHE A 198 -7.30 2.94 -2.54
CA PHE A 198 -7.36 2.25 -3.81
C PHE A 198 -5.95 1.80 -4.18
N ARG A 199 -5.80 0.52 -4.51
CA ARG A 199 -4.50 -0.08 -4.83
C ARG A 199 -3.50 0.14 -3.71
N SER A 200 -3.98 0.07 -2.47
CA SER A 200 -3.13 0.33 -1.32
C SER A 200 -2.30 -0.90 -0.94
N GLU A 201 -2.57 -2.03 -1.58
CA GLU A 201 -1.82 -3.26 -1.33
C GLU A 201 -0.86 -3.57 -2.48
N GLU A 202 -0.81 -2.68 -3.47
CA GLU A 202 0.11 -2.82 -4.60
C GLU A 202 1.40 -2.05 -4.37
N ARG A 203 2.47 -2.49 -5.00
CA ARG A 203 3.78 -1.89 -4.80
C ARG A 203 4.00 -0.68 -5.73
N PHE A 204 4.61 0.36 -5.17
CA PHE A 204 5.02 1.53 -5.92
C PHE A 204 6.44 1.91 -5.51
N PRO A 205 7.19 2.58 -6.42
CA PRO A 205 8.49 3.12 -6.04
C PRO A 205 8.36 4.19 -4.96
N MET A 206 9.18 4.10 -3.91
CA MET A 206 9.13 5.06 -2.81
C MET A 206 9.69 6.42 -3.20
N MET A 207 10.74 6.41 -4.02
CA MET A 207 11.45 7.63 -4.34
C MET A 207 11.90 8.28 -3.03
N SER A 208 11.96 9.61 -2.98
CA SER A 208 12.47 10.29 -1.79
C SER A 208 11.57 10.19 -0.56
N THR A 209 10.41 9.56 -0.69
CA THR A 209 9.54 9.38 0.47
C THR A 209 10.19 8.48 1.51
N PHE A 210 11.17 7.69 1.07
CA PHE A 210 11.87 6.79 1.97
C PHE A 210 12.65 7.55 3.05
N LYS A 211 12.91 8.83 2.79
CA LYS A 211 13.77 9.62 3.67
C LYS A 211 13.16 9.85 5.06
N VAL A 212 11.84 9.73 5.18
CA VAL A 212 11.21 9.84 6.49
C VAL A 212 11.46 8.58 7.31
N LEU A 213 11.57 7.45 6.61
CA LEU A 213 11.87 6.18 7.26
C LEU A 213 13.33 6.17 7.69
N LEU A 214 14.20 6.74 6.85
CA LEU A 214 15.61 6.87 7.17
C LEU A 214 15.80 7.71 8.42
N ALA A 215 15.05 8.81 8.51
CA ALA A 215 15.12 9.68 9.67
C ALA A 215 14.69 8.92 10.92
N GLY A 216 13.70 8.05 10.76
CA GLY A 216 13.23 7.22 11.86
C GLY A 216 14.32 6.28 12.36
N ALA A 217 15.06 5.69 11.43
CA ALA A 217 16.15 4.78 11.78
C ALA A 217 17.24 5.52 12.55
N ILE A 218 17.54 6.75 12.14
CA ILE A 218 18.54 7.56 12.82
C ILE A 218 18.07 7.94 14.22
N LEU A 219 16.81 8.35 14.33
CA LEU A 219 16.23 8.70 15.62
C LEU A 219 16.23 7.51 16.59
N SER A 220 16.09 6.31 16.04
CA SER A 220 16.12 5.11 16.86
C SER A 220 17.51 4.91 17.45
N ARG A 221 18.52 5.20 16.64
CA ARG A 221 19.90 5.11 17.10
C ARG A 221 20.21 6.20 18.12
N ILE A 222 19.62 7.38 17.93
CA ILE A 222 19.78 8.46 18.88
C ILE A 222 19.20 8.06 20.24
N ASP A 223 17.99 7.49 20.22
CA ASP A 223 17.35 7.04 21.45
C ASP A 223 18.18 5.98 22.15
N ALA A 224 18.88 5.17 21.35
CA ALA A 224 19.67 4.07 21.88
C ALA A 224 21.05 4.52 22.36
N GLY A 225 21.46 5.72 21.96
CA GLY A 225 22.76 6.25 22.33
C GLY A 225 23.86 5.87 21.36
N GLN A 226 23.47 5.32 20.20
CA GLN A 226 24.43 4.94 19.17
C GLN A 226 24.79 6.13 18.29
N GLU A 227 23.98 7.18 18.35
CA GLU A 227 24.20 8.36 17.53
C GLU A 227 23.85 9.62 18.34
N GLN A 228 24.40 10.75 17.91
CA GLN A 228 24.14 12.03 18.56
C GLN A 228 23.75 13.07 17.52
N LEU A 229 22.64 13.75 17.78
CA LEU A 229 22.15 14.76 16.84
C LEU A 229 23.17 15.86 16.59
N GLY A 230 24.02 16.13 17.58
CA GLY A 230 25.01 17.18 17.48
C GLY A 230 26.36 16.74 16.95
N ARG A 231 26.49 15.46 16.61
CA ARG A 231 27.75 14.95 16.07
C ARG A 231 27.98 15.46 14.66
N ARG A 232 29.15 16.02 14.41
CA ARG A 232 29.47 16.63 13.13
C ARG A 232 30.09 15.62 12.16
N ILE A 233 29.45 15.45 11.01
CA ILE A 233 29.95 14.56 9.97
C ILE A 233 30.68 15.35 8.90
N HIS A 234 31.92 14.95 8.61
CA HIS A 234 32.72 15.62 7.60
C HIS A 234 32.80 14.76 6.35
N TYR A 235 32.53 15.37 5.20
CA TYR A 235 32.53 14.66 3.92
C TYR A 235 33.28 15.47 2.89
N SER A 236 33.43 14.92 1.69
CA SER A 236 34.19 15.58 0.64
C SER A 236 33.40 15.70 -0.65
N GLN A 237 34.01 16.34 -1.64
CA GLN A 237 33.34 16.58 -2.92
C GLN A 237 32.96 15.28 -3.62
N ASN A 238 33.74 14.23 -3.39
CA ASN A 238 33.49 12.94 -4.03
C ASN A 238 32.24 12.24 -3.48
N ASP A 239 31.69 12.78 -2.41
CA ASP A 239 30.47 12.25 -1.80
C ASP A 239 29.22 12.85 -2.44
N LEU A 240 29.38 14.01 -3.08
CA LEU A 240 28.25 14.73 -3.66
C LEU A 240 27.64 13.99 -4.84
N VAL A 241 26.31 13.81 -4.80
CA VAL A 241 25.56 13.27 -5.93
C VAL A 241 24.56 14.31 -6.43
N GLU A 242 23.83 13.97 -7.49
CA GLU A 242 22.88 14.90 -8.10
C GLU A 242 21.93 15.50 -7.06
N TYR A 243 21.59 16.76 -7.25
CA TYR A 243 20.70 17.50 -6.35
C TYR A 243 21.13 17.41 -4.89
N SER A 244 22.01 18.32 -4.49
CA SER A 244 22.50 18.38 -3.13
C SER A 244 22.61 19.84 -2.70
N PRO A 245 21.47 20.54 -2.67
CA PRO A 245 21.42 21.99 -2.46
C PRO A 245 22.01 22.45 -1.12
N VAL A 246 21.89 21.62 -0.09
CA VAL A 246 22.39 22.00 1.24
C VAL A 246 23.81 21.49 1.44
N THR A 247 24.02 20.20 1.22
CA THR A 247 25.33 19.60 1.48
C THR A 247 26.44 20.17 0.61
N GLU A 248 26.09 20.70 -0.57
CA GLU A 248 27.11 21.28 -1.45
C GLU A 248 27.70 22.55 -0.86
N LYS A 249 27.08 23.08 0.19
CA LYS A 249 27.51 24.33 0.81
C LYS A 249 28.42 24.13 2.01
N HIS A 250 28.58 22.90 2.47
CA HIS A 250 29.31 22.65 3.71
C HIS A 250 30.43 21.62 3.57
N LEU A 251 31.20 21.71 2.48
CA LEU A 251 32.29 20.79 2.24
C LEU A 251 33.47 21.00 3.18
N THR A 252 33.63 22.22 3.67
CA THR A 252 34.79 22.56 4.50
C THR A 252 34.48 22.57 5.99
N ASP A 253 33.21 22.71 6.35
CA ASP A 253 32.82 22.77 7.77
C ASP A 253 32.04 21.55 8.22
N GLY A 254 31.47 20.80 7.26
CA GLY A 254 30.69 19.63 7.59
C GLY A 254 29.30 19.96 8.10
N MET A 255 28.54 18.93 8.48
CA MET A 255 27.19 19.13 8.98
C MET A 255 26.90 18.16 10.11
N THR A 256 26.06 18.58 11.06
CA THR A 256 25.65 17.70 12.15
C THR A 256 24.64 16.68 11.66
N VAL A 257 24.45 15.62 12.43
CA VAL A 257 23.45 14.62 12.08
C VAL A 257 22.07 15.27 11.98
N ARG A 258 21.81 16.22 12.88
CA ARG A 258 20.55 16.95 12.88
C ARG A 258 20.36 17.74 11.59
N GLU A 259 21.41 18.44 11.17
CA GLU A 259 21.36 19.24 9.95
C GLU A 259 21.18 18.36 8.72
N LEU A 260 21.82 17.20 8.73
CA LEU A 260 21.70 16.25 7.63
C LEU A 260 20.28 15.69 7.53
N ALA A 261 19.72 15.30 8.67
CA ALA A 261 18.36 14.79 8.71
C ALA A 261 17.38 15.86 8.23
N SER A 262 17.62 17.10 8.67
CA SER A 262 16.76 18.22 8.27
C SER A 262 16.85 18.42 6.76
N ALA A 263 18.07 18.44 6.23
CA ALA A 263 18.29 18.64 4.81
C ALA A 263 17.60 17.53 3.99
N ALA A 264 17.69 16.30 4.49
CA ALA A 264 17.13 15.16 3.79
C ALA A 264 15.61 15.26 3.68
N ILE A 265 14.95 15.67 4.76
CA ILE A 265 13.49 15.72 4.79
C ILE A 265 12.95 17.02 4.20
N THR A 266 13.49 18.15 4.63
CA THR A 266 12.93 19.45 4.24
C THR A 266 13.32 19.88 2.83
N MET A 267 14.47 19.43 2.35
CA MET A 267 14.96 19.82 1.02
C MET A 267 15.14 18.62 0.10
N SER A 268 15.00 17.41 0.64
CA SER A 268 15.20 16.18 -0.12
C SER A 268 16.62 16.09 -0.66
N ASP A 269 17.57 16.60 0.11
CA ASP A 269 18.99 16.56 -0.26
C ASP A 269 19.47 15.12 -0.38
N ASN A 270 19.97 14.75 -1.55
CA ASN A 270 20.36 13.36 -1.81
C ASN A 270 21.64 12.93 -1.10
N THR A 271 22.65 13.77 -1.12
CA THR A 271 23.91 13.44 -0.45
C THR A 271 23.66 13.29 1.05
N ALA A 272 22.83 14.16 1.61
CA ALA A 272 22.50 14.09 3.02
C ALA A 272 21.95 12.71 3.36
N ALA A 273 21.10 12.19 2.49
CA ALA A 273 20.49 10.88 2.69
C ALA A 273 21.53 9.76 2.63
N ASN A 274 22.41 9.83 1.64
CA ASN A 274 23.45 8.82 1.48
C ASN A 274 24.41 8.80 2.67
N LEU A 275 24.75 9.98 3.18
CA LEU A 275 25.65 10.08 4.33
C LEU A 275 25.02 9.40 5.55
N LEU A 276 23.73 9.64 5.77
CA LEU A 276 23.03 9.03 6.89
C LEU A 276 22.88 7.52 6.68
N LEU A 277 22.60 7.12 5.44
CA LEU A 277 22.49 5.70 5.12
C LEU A 277 23.77 4.95 5.47
N THR A 278 24.92 5.57 5.19
CA THR A 278 26.21 4.94 5.44
C THR A 278 26.35 4.55 6.91
N THR A 279 25.82 5.39 7.81
CA THR A 279 26.00 5.17 9.24
C THR A 279 25.24 3.94 9.74
N ILE A 280 24.24 3.50 8.99
CA ILE A 280 23.42 2.35 9.39
C ILE A 280 23.67 1.11 8.52
N GLY A 281 24.66 1.20 7.64
CA GLY A 281 25.03 0.06 6.81
C GLY A 281 24.34 0.05 5.45
N GLY A 282 23.87 1.21 5.01
CA GLY A 282 23.24 1.33 3.71
C GLY A 282 21.79 0.91 3.67
N PRO A 283 21.25 0.73 2.46
CA PRO A 283 19.86 0.29 2.25
C PRO A 283 19.51 -0.98 3.03
N LYS A 284 20.43 -1.94 3.11
CA LYS A 284 20.17 -3.17 3.86
C LYS A 284 19.95 -2.86 5.33
N GLY A 285 20.64 -1.83 5.83
CA GLY A 285 20.49 -1.40 7.20
C GLY A 285 19.13 -0.79 7.45
N LEU A 286 18.67 0.05 6.53
CA LEU A 286 17.36 0.66 6.66
C LEU A 286 16.27 -0.41 6.61
N THR A 287 16.42 -1.38 5.71
CA THR A 287 15.44 -2.44 5.57
C THR A 287 15.38 -3.27 6.86
N ALA A 288 16.54 -3.48 7.47
CA ALA A 288 16.60 -4.21 8.74
C ALA A 288 15.81 -3.48 9.81
N PHE A 289 15.91 -2.16 9.82
CA PHE A 289 15.18 -1.33 10.78
C PHE A 289 13.67 -1.45 10.55
N LEU A 290 13.28 -1.47 9.28
CA LEU A 290 11.87 -1.62 8.93
C LEU A 290 11.31 -2.95 9.40
N HIS A 291 12.12 -4.01 9.30
CA HIS A 291 11.72 -5.31 9.80
C HIS A 291 11.48 -5.26 11.31
N ASN A 292 12.26 -4.45 12.00
CA ASN A 292 12.10 -4.28 13.44
C ASN A 292 10.84 -3.49 13.78
N MET A 293 10.45 -2.60 12.86
CA MET A 293 9.21 -1.84 13.01
C MET A 293 7.98 -2.73 12.80
N GLY A 294 8.20 -3.92 12.25
CA GLY A 294 7.10 -4.82 11.92
C GLY A 294 6.67 -4.65 10.47
N ASP A 295 7.49 -3.97 9.68
CA ASP A 295 7.22 -3.76 8.27
C ASP A 295 8.06 -4.70 7.43
N HIS A 296 7.44 -5.78 6.95
CA HIS A 296 8.16 -6.79 6.17
C HIS A 296 7.82 -6.67 4.69
N VAL A 297 7.32 -5.50 4.28
CA VAL A 297 6.94 -5.26 2.90
C VAL A 297 7.87 -4.24 2.25
N THR A 298 8.02 -3.10 2.92
CA THR A 298 8.88 -2.02 2.42
C THR A 298 10.33 -2.48 2.35
N ARG A 299 11.02 -2.09 1.28
CA ARG A 299 12.42 -2.47 1.09
C ARG A 299 13.20 -1.40 0.33
N LEU A 300 14.36 -1.02 0.86
CA LEU A 300 15.29 -0.17 0.14
C LEU A 300 16.51 -0.98 -0.26
N ASP A 301 16.83 -0.95 -1.55
CA ASP A 301 17.90 -1.77 -2.10
C ASP A 301 19.06 -0.94 -2.66
N ARG A 302 18.77 0.27 -3.11
CA ARG A 302 19.78 1.11 -3.74
C ARG A 302 19.93 2.46 -3.05
N TRP A 303 20.98 3.18 -3.42
CA TRP A 303 21.26 4.49 -2.84
C TRP A 303 20.75 5.58 -3.77
N GLU A 304 20.86 6.83 -3.35
CA GLU A 304 20.56 7.94 -4.24
C GLU A 304 21.68 8.08 -5.25
N PRO A 305 21.35 8.35 -6.52
CA PRO A 305 20.01 8.57 -7.08
C PRO A 305 19.41 7.35 -7.77
N GLU A 306 20.10 6.22 -7.75
CA GLU A 306 19.67 5.04 -8.50
C GLU A 306 18.31 4.52 -8.04
N LEU A 307 17.94 4.81 -6.79
CA LEU A 307 16.71 4.27 -6.22
C LEU A 307 15.46 4.87 -6.87
N ASN A 308 15.63 5.90 -7.69
CA ASN A 308 14.50 6.58 -8.33
C ASN A 308 14.21 6.08 -9.74
N GLU A 309 14.87 5.01 -10.16
CA GLU A 309 14.70 4.50 -11.53
C GLU A 309 13.26 4.09 -11.84
N ALA A 310 12.57 3.55 -10.84
CA ALA A 310 11.16 3.20 -10.98
C ALA A 310 10.88 2.29 -12.17
N ILE A 311 11.69 1.25 -12.33
CA ILE A 311 11.50 0.29 -13.41
C ILE A 311 10.19 -0.47 -13.19
N PRO A 312 9.35 -0.58 -14.23
CA PRO A 312 8.04 -1.22 -14.07
C PRO A 312 8.13 -2.65 -13.56
N ASN A 313 7.33 -2.98 -12.56
CA ASN A 313 7.26 -4.33 -12.00
C ASN A 313 8.54 -4.74 -11.27
N ASP A 314 9.41 -3.76 -11.01
CA ASP A 314 10.61 -3.99 -10.22
C ASP A 314 10.27 -3.75 -8.76
N GLU A 315 10.60 -4.71 -7.90
CA GLU A 315 10.24 -4.62 -6.49
C GLU A 315 11.30 -3.88 -5.66
N ARG A 316 12.45 -3.59 -6.28
CA ARG A 316 13.51 -2.85 -5.59
C ARG A 316 13.03 -1.45 -5.22
N ASP A 317 13.32 -1.05 -3.99
CA ASP A 317 13.06 0.32 -3.54
C ASP A 317 11.57 0.67 -3.59
N THR A 318 10.73 -0.28 -3.20
CA THR A 318 9.28 -0.09 -3.26
C THR A 318 8.61 -0.30 -1.91
N THR A 319 7.39 0.22 -1.81
CA THR A 319 6.53 -0.02 -0.67
C THR A 319 5.10 -0.13 -1.19
N THR A 320 4.15 -0.40 -0.30
CA THR A 320 2.74 -0.28 -0.64
C THR A 320 2.18 0.87 0.17
N PRO A 321 1.11 1.52 -0.32
CA PRO A 321 0.53 2.62 0.45
C PRO A 321 0.17 2.22 1.88
N VAL A 322 -0.39 1.03 2.07
CA VAL A 322 -0.79 0.60 3.40
C VAL A 322 0.44 0.36 4.31
N ALA A 323 1.52 -0.17 3.75
CA ALA A 323 2.71 -0.45 4.53
C ALA A 323 3.38 0.86 4.94
N MET A 324 3.51 1.78 4.00
CA MET A 324 4.12 3.08 4.27
C MET A 324 3.30 3.87 5.29
N ALA A 325 1.98 3.86 5.12
CA ALA A 325 1.10 4.59 6.01
C ALA A 325 1.12 4.00 7.42
N THR A 326 1.18 2.68 7.50
CA THR A 326 1.19 1.98 8.77
C THR A 326 2.52 2.20 9.50
N THR A 327 3.61 2.15 8.76
CA THR A 327 4.93 2.37 9.33
C THR A 327 5.07 3.80 9.82
N LEU A 328 4.60 4.75 9.00
CA LEU A 328 4.66 6.16 9.39
C LEU A 328 3.87 6.40 10.66
N ARG A 329 2.70 5.77 10.77
CA ARG A 329 1.88 5.87 11.97
C ARG A 329 2.66 5.39 13.19
N LYS A 330 3.30 4.23 13.06
CA LYS A 330 4.09 3.67 14.16
C LYS A 330 5.21 4.62 14.57
N LEU A 331 5.84 5.27 13.60
CA LEU A 331 6.96 6.17 13.86
C LEU A 331 6.51 7.45 14.57
N LEU A 332 5.32 7.93 14.23
CA LEU A 332 4.85 9.21 14.76
C LEU A 332 4.05 9.07 16.07
N THR A 333 3.52 7.88 16.33
CA THR A 333 2.67 7.68 17.49
C THR A 333 3.03 6.43 18.31
N GLY A 334 3.85 5.56 17.75
CA GLY A 334 4.15 4.28 18.38
C GLY A 334 5.01 4.40 19.63
N GLU A 335 5.46 3.26 20.13
CA GLU A 335 6.29 3.21 21.33
C GLU A 335 7.76 3.02 20.97
N LEU A 336 8.05 2.80 19.69
CA LEU A 336 9.41 2.48 19.28
C LEU A 336 10.35 3.68 19.39
N LEU A 337 9.83 4.87 19.06
CA LEU A 337 10.60 6.10 19.23
C LEU A 337 10.15 6.81 20.51
N THR A 338 11.07 7.52 21.15
CA THR A 338 10.72 8.30 22.34
C THR A 338 9.88 9.49 21.92
N PRO A 339 9.04 9.99 22.83
CA PRO A 339 8.18 11.14 22.52
C PRO A 339 8.95 12.30 21.91
N ALA A 340 10.17 12.54 22.39
CA ALA A 340 11.00 13.63 21.86
C ALA A 340 11.36 13.38 20.40
N SER A 341 11.70 12.13 20.07
CA SER A 341 12.06 11.78 18.71
C SER A 341 10.86 11.80 17.77
N ARG A 342 9.72 11.30 18.26
CA ARG A 342 8.49 11.33 17.47
C ARG A 342 8.15 12.76 17.10
N GLN A 343 8.35 13.68 18.05
CA GLN A 343 8.06 15.08 17.82
C GLN A 343 9.03 15.67 16.82
N GLN A 344 10.30 15.27 16.90
CA GLN A 344 11.32 15.79 15.99
C GLN A 344 11.02 15.37 14.56
N LEU A 345 10.61 14.12 14.38
CA LEU A 345 10.26 13.61 13.05
C LEU A 345 9.11 14.42 12.47
N MET A 346 8.09 14.66 13.29
CA MET A 346 6.94 15.44 12.87
C MET A 346 7.36 16.87 12.50
N ASP A 347 8.24 17.45 13.33
CA ASP A 347 8.72 18.82 13.12
C ASP A 347 9.48 18.97 11.80
N TRP A 348 10.28 17.97 11.47
CA TRP A 348 11.05 18.01 10.22
C TRP A 348 10.11 17.96 9.02
N MET A 349 9.12 17.10 9.08
CA MET A 349 8.15 16.93 7.99
C MET A 349 7.26 18.16 7.87
N GLU A 350 6.95 18.81 8.99
CA GLU A 350 6.14 20.01 8.95
C GLU A 350 6.88 21.14 8.24
N ALA A 351 8.22 21.06 8.22
CA ALA A 351 9.04 22.10 7.63
C ALA A 351 9.50 21.76 6.20
N ASP A 352 8.83 20.80 5.57
CA ASP A 352 9.11 20.43 4.19
C ASP A 352 8.83 21.62 3.27
N LYS A 353 9.80 21.99 2.44
CA LYS A 353 9.67 23.16 1.57
C LYS A 353 9.76 22.82 0.09
N VAL A 354 9.75 21.53 -0.25
CA VAL A 354 9.86 21.13 -1.66
C VAL A 354 8.60 20.43 -2.20
N ALA A 355 7.54 20.40 -1.39
CA ALA A 355 6.30 19.74 -1.80
C ALA A 355 5.17 20.74 -2.04
N GLY A 356 5.54 21.97 -2.38
CA GLY A 356 4.56 23.04 -2.58
C GLY A 356 3.44 22.71 -3.56
N PRO A 357 3.80 22.13 -4.73
CA PRO A 357 2.82 21.87 -5.80
C PRO A 357 1.87 20.71 -5.53
N LEU A 358 2.03 19.99 -4.42
CA LEU A 358 1.22 18.80 -4.17
C LEU A 358 0.04 19.11 -3.21
N LEU A 359 0.00 18.45 -2.06
CA LEU A 359 -1.11 18.62 -1.14
C LEU A 359 -1.23 20.07 -0.65
N ARG A 360 -0.09 20.73 -0.46
CA ARG A 360 -0.07 22.09 0.05
C ARG A 360 -0.74 23.09 -0.91
N SER A 361 -0.84 22.72 -2.18
CA SER A 361 -1.45 23.61 -3.17
C SER A 361 -2.98 23.63 -3.07
N VAL A 362 -3.55 22.69 -2.33
CA VAL A 362 -5.00 22.62 -2.18
C VAL A 362 -5.43 22.59 -0.72
N LEU A 363 -4.47 22.81 0.18
CA LEU A 363 -4.75 22.74 1.61
C LEU A 363 -5.33 24.06 2.11
N PRO A 364 -6.57 24.02 2.65
CA PRO A 364 -7.18 25.24 3.18
C PRO A 364 -6.38 25.85 4.32
N ALA A 365 -6.59 27.13 4.59
CA ALA A 365 -5.93 27.80 5.70
C ALA A 365 -6.39 27.19 7.00
N GLY A 366 -5.47 27.04 7.95
CA GLY A 366 -5.79 26.52 9.27
C GLY A 366 -5.44 25.04 9.43
N TRP A 367 -5.28 24.35 8.30
CA TRP A 367 -4.96 22.93 8.34
C TRP A 367 -3.51 22.71 8.74
N PHE A 368 -3.25 21.59 9.41
CA PHE A 368 -1.91 21.16 9.73
C PHE A 368 -1.45 20.17 8.68
N ILE A 369 -0.20 20.29 8.25
CA ILE A 369 0.39 19.29 7.36
C ILE A 369 1.87 19.10 7.60
N ALA A 370 2.27 17.83 7.70
CA ALA A 370 3.67 17.45 7.75
C ALA A 370 3.83 16.37 6.70
N ASP A 371 4.70 16.59 5.73
CA ASP A 371 4.80 15.68 4.59
C ASP A 371 6.21 15.50 4.05
N LYS A 372 6.32 14.59 3.10
CA LYS A 372 7.55 14.36 2.35
C LYS A 372 7.15 13.87 0.97
N SER A 373 7.72 14.48 -0.06
CA SER A 373 7.35 14.16 -1.43
C SER A 373 8.43 13.31 -2.10
N GLY A 374 8.12 12.81 -3.29
CA GLY A 374 9.07 12.02 -4.05
C GLY A 374 8.79 12.18 -5.53
N ALA A 375 9.85 12.10 -6.33
CA ALA A 375 9.75 12.14 -7.77
C ALA A 375 10.76 11.18 -8.36
N GLY A 376 10.39 10.50 -9.44
CA GLY A 376 11.27 9.52 -10.06
C GLY A 376 11.08 9.45 -11.56
N GLU A 377 11.90 8.63 -12.20
CA GLU A 377 11.81 8.42 -13.64
C GLU A 377 10.50 7.74 -14.00
N ARG A 378 10.21 7.67 -15.30
CA ARG A 378 9.01 7.01 -15.79
C ARG A 378 7.74 7.61 -15.19
N GLY A 379 7.75 8.93 -15.02
CA GLY A 379 6.58 9.67 -14.56
C GLY A 379 6.16 9.32 -13.14
N SER A 380 7.13 9.06 -12.28
CA SER A 380 6.83 8.68 -10.90
C SER A 380 6.73 9.90 -9.98
N ARG A 381 5.72 9.88 -9.13
CA ARG A 381 5.49 10.97 -8.19
C ARG A 381 4.76 10.43 -6.97
N GLY A 382 5.01 11.01 -5.81
CA GLY A 382 4.37 10.53 -4.61
C GLY A 382 4.51 11.45 -3.42
N ILE A 383 3.71 11.19 -2.40
CA ILE A 383 3.74 11.97 -1.18
C ILE A 383 3.21 11.16 0.00
N VAL A 384 3.82 11.39 1.16
CA VAL A 384 3.32 10.85 2.41
C VAL A 384 3.10 12.03 3.35
N ALA A 385 2.02 12.00 4.12
CA ALA A 385 1.66 13.14 4.94
C ALA A 385 0.79 12.79 6.15
N ALA A 386 0.98 13.55 7.22
CA ALA A 386 0.08 13.55 8.35
C ALA A 386 -0.58 14.92 8.40
N LEU A 387 -1.91 14.96 8.34
CA LEU A 387 -2.62 16.23 8.28
C LEU A 387 -3.94 16.22 9.03
N GLY A 388 -4.52 17.40 9.20
CA GLY A 388 -5.79 17.55 9.89
C GLY A 388 -6.30 18.97 9.77
N PRO A 389 -7.62 19.15 9.90
CA PRO A 389 -8.28 20.44 9.69
C PRO A 389 -8.25 21.38 10.90
N ASP A 390 -7.74 20.91 12.02
CA ASP A 390 -7.81 21.67 13.27
C ASP A 390 -6.44 21.94 13.89
N GLY A 391 -5.46 22.24 13.05
CA GLY A 391 -4.14 22.65 13.52
C GLY A 391 -3.28 21.51 14.01
N LYS A 392 -3.77 20.29 13.91
CA LYS A 392 -3.00 19.12 14.32
C LYS A 392 -3.33 17.95 13.41
N PRO A 393 -2.40 16.98 13.29
CA PRO A 393 -2.62 15.83 12.42
C PRO A 393 -3.55 14.79 13.05
N SER A 394 -4.49 14.28 12.26
CA SER A 394 -5.39 13.23 12.73
C SER A 394 -5.48 12.05 11.76
N ARG A 395 -4.92 12.20 10.57
CA ARG A 395 -4.93 11.12 9.58
C ARG A 395 -3.63 11.09 8.80
N ILE A 396 -3.29 9.90 8.30
CA ILE A 396 -2.15 9.70 7.42
C ILE A 396 -2.66 9.50 6.00
N VAL A 397 -2.05 10.21 5.05
CA VAL A 397 -2.38 10.07 3.64
C VAL A 397 -1.13 9.73 2.84
N VAL A 398 -1.21 8.68 2.04
CA VAL A 398 -0.13 8.28 1.16
C VAL A 398 -0.67 8.14 -0.26
N ILE A 399 0.00 8.77 -1.21
CA ILE A 399 -0.41 8.73 -2.61
C ILE A 399 0.80 8.49 -3.52
N TYR A 400 0.71 7.49 -4.38
CA TYR A 400 1.76 7.21 -5.36
C TYR A 400 1.18 7.10 -6.77
N THR A 401 1.94 7.58 -7.74
CA THR A 401 1.60 7.42 -9.15
C THR A 401 2.87 7.07 -9.94
N THR A 402 2.76 6.19 -10.92
CA THR A 402 3.92 5.79 -11.70
C THR A 402 3.52 5.24 -13.08
N GLY A 403 4.42 5.40 -14.04
CA GLY A 403 4.28 4.75 -15.33
C GLY A 403 3.68 5.58 -16.45
N SER A 404 3.41 6.85 -16.18
CA SER A 404 2.74 7.70 -17.17
C SER A 404 3.68 8.41 -18.11
N GLN A 405 4.93 8.61 -17.70
CA GLN A 405 5.87 9.39 -18.50
C GLN A 405 5.32 10.79 -18.74
N ALA A 406 4.42 11.24 -17.86
CA ALA A 406 3.79 12.53 -18.00
C ALA A 406 4.72 13.64 -17.50
N THR A 407 4.34 14.89 -17.76
CA THR A 407 5.13 16.03 -17.32
C THR A 407 4.98 16.20 -15.82
N MET A 408 5.93 16.92 -15.21
CA MET A 408 5.92 17.13 -13.77
C MET A 408 4.65 17.87 -13.34
N ASP A 409 4.24 18.83 -14.15
CA ASP A 409 3.06 19.62 -13.83
C ASP A 409 1.80 18.77 -13.81
N GLU A 410 1.67 17.88 -14.79
CA GLU A 410 0.52 16.98 -14.88
C GLU A 410 0.46 16.07 -13.65
N LEU A 411 1.61 15.51 -13.28
CA LEU A 411 1.69 14.62 -12.13
C LEU A 411 1.37 15.35 -10.83
N ASN A 412 1.91 16.57 -10.70
CA ASN A 412 1.64 17.38 -9.52
C ASN A 412 0.15 17.58 -9.32
N ARG A 413 -0.57 17.87 -10.40
CA ARG A 413 -2.00 18.11 -10.33
C ARG A 413 -2.78 16.82 -10.06
N GLN A 414 -2.27 15.70 -10.54
CA GLN A 414 -2.93 14.41 -10.29
C GLN A 414 -3.00 14.17 -8.78
N ILE A 415 -1.88 14.33 -8.10
CA ILE A 415 -1.81 14.12 -6.67
C ILE A 415 -2.60 15.20 -5.92
N ALA A 416 -2.51 16.43 -6.40
CA ALA A 416 -3.18 17.55 -5.75
C ALA A 416 -4.69 17.37 -5.74
N GLU A 417 -5.25 16.88 -6.85
CA GLU A 417 -6.69 16.73 -6.96
C GLU A 417 -7.21 15.57 -6.10
N ILE A 418 -6.42 14.51 -5.98
CA ILE A 418 -6.77 13.42 -5.08
C ILE A 418 -6.82 13.98 -3.65
N GLY A 419 -5.83 14.79 -3.31
CA GLY A 419 -5.80 15.44 -2.02
C GLY A 419 -7.03 16.32 -1.80
N ALA A 420 -7.42 17.05 -2.85
CA ALA A 420 -8.57 17.94 -2.76
C ALA A 420 -9.84 17.14 -2.47
N SER A 421 -9.95 15.96 -3.07
CA SER A 421 -11.11 15.11 -2.87
C SER A 421 -11.20 14.63 -1.42
N LEU A 422 -10.06 14.24 -0.87
CA LEU A 422 -10.01 13.76 0.52
C LEU A 422 -10.31 14.88 1.49
N ILE A 423 -9.82 16.08 1.19
CA ILE A 423 -10.04 17.24 2.03
C ILE A 423 -11.52 17.63 2.06
N LYS A 424 -12.17 17.58 0.90
CA LYS A 424 -13.58 17.96 0.81
C LYS A 424 -14.47 16.91 1.46
N GLY A 425 -14.07 15.64 1.37
CA GLY A 425 -14.84 14.56 1.93
C GLY A 425 -14.31 14.12 3.29
N TRP A 426 -13.54 14.99 3.93
CA TRP A 426 -12.93 14.69 5.22
C TRP A 426 -14.00 14.24 6.22
N1 EPE B . 0.37 -11.14 -3.95
C2 EPE B . 0.84 -10.55 -5.16
C3 EPE B . 0.83 -9.06 -5.02
N4 EPE B . -0.53 -8.60 -4.83
C5 EPE B . -1.05 -9.22 -3.63
C6 EPE B . -0.99 -10.70 -3.77
C7 EPE B . -0.94 -7.24 -5.24
C8 EPE B . -1.87 -6.61 -4.24
O8 EPE B . -3.16 -6.85 -4.59
C9 EPE B . 0.74 -12.48 -3.52
C10 EPE B . 1.45 -13.23 -4.65
S EPE B . 1.78 -14.92 -4.12
O1S EPE B . 0.56 -15.62 -3.80
O2S EPE B . 2.45 -14.95 -2.84
O3S EPE B . 2.56 -15.64 -5.15
H21 EPE B . 0.28 -10.81 -5.90
H22 EPE B . 1.74 -10.84 -5.33
H31 EPE B . 1.20 -8.65 -5.82
H32 EPE B . 1.38 -8.80 -4.24
H51 EPE B . -1.97 -8.94 -3.49
H52 EPE B . -0.51 -8.94 -2.86
H61 EPE B . -1.52 -10.98 -4.51
H62 EPE B . -1.36 -11.12 -2.98
H71 EPE B . -1.40 -7.32 -6.09
H72 EPE B . -0.15 -6.68 -5.36
H81 EPE B . -1.71 -5.63 -4.23
H82 EPE B . -1.69 -6.97 -3.35
HO8 EPE B . -3.19 -7.51 -5.21
H91 EPE B . 1.33 -12.42 -2.75
H92 EPE B . -0.07 -12.98 -3.27
H101 EPE B . 0.88 -13.25 -5.44
H102 EPE B . 2.29 -12.79 -4.85
HOS3 EPE B . 2.59 -15.14 -5.90
S SCN C . -1.88 -22.97 7.20
C SCN C . -2.84 -22.84 8.68
N SCN C . -3.46 -22.74 9.63
S SCN D . 12.58 14.28 -11.14
C SCN D . 13.03 12.96 -12.22
N SCN D . 13.31 12.10 -12.92
S SCN E . -25.65 -12.31 -7.80
C SCN E . -25.42 -13.57 -9.00
N SCN E . -25.27 -14.40 -9.79
N1 EPE F . 12.24 18.81 -6.31
C2 EPE F . 12.56 18.81 -7.70
C3 EPE F . 13.68 19.78 -7.96
N4 EPE F . 13.22 21.11 -7.67
C5 EPE F . 12.94 21.15 -6.26
C6 EPE F . 11.87 20.16 -5.94
C7 EPE F . 13.76 22.30 -8.34
C8 EPE F . 12.72 22.81 -9.32
O8 EPE F . 13.26 23.84 -10.04
C9 EPE F . 11.45 17.73 -5.74
C10 EPE F . 12.35 16.66 -5.12
S EPE F . 11.37 15.60 -4.05
O1S EPE F . 10.15 15.19 -4.68
O2S EPE F . 10.87 16.32 -2.91
O3S EPE F . 12.17 14.43 -3.63
H21 EPE F . 11.78 19.07 -8.21
H22 EPE F . 12.85 17.93 -7.97
H31 EPE F . 13.93 19.72 -8.90
H32 EPE F . 14.45 19.56 -7.40
H51 EPE F . 12.63 22.04 -6.01
H52 EPE F . 13.75 20.92 -5.75
H61 EPE F . 11.06 20.40 -6.40
H62 EPE F . 11.68 20.18 -4.98
H71 EPE F . 14.56 22.06 -8.83
H72 EPE F . 13.96 22.98 -7.69
H81 EPE F . 11.94 23.14 -8.82
H82 EPE F . 12.46 22.09 -9.92
HO8 EPE F . 12.81 23.92 -10.83
H91 EPE F . 10.87 18.10 -5.04
H92 EPE F . 10.90 17.32 -6.44
H101 EPE F . 12.75 16.13 -5.84
H102 EPE F . 13.06 17.08 -4.60
HOS3 EPE F . 11.92 13.71 -4.12
#